data_6YH1
#
_entry.id   6YH1
#
_cell.length_a   85.872
_cell.length_b   65.286
_cell.length_c   71.982
_cell.angle_alpha   90.000
_cell.angle_beta   94.041
_cell.angle_gamma   90.000
#
_symmetry.space_group_name_H-M   'C 1 2 1'
#
loop_
_entity.id
_entity.type
_entity.pdbx_description
1 polymer 'Queuine tRNA-ribosyltransferase'
2 non-polymer 'ZINC ION'
3 non-polymer 6-amino-2-(methylamino)-4-(4-(trifluoromethyl)phenethyl)-3,7-dihydro-8H-imidazo[4,5-g]quinazolin-8-one
4 water water
#
_entity_poly.entity_id   1
_entity_poly.type   'polypeptide(L)'
_entity_poly.pdbx_seq_one_letter_code
;GSMVEATAQETDRPRFSFSIAAREGKARTGTIEMKRGVIRTPAFMPVGTAATVKALKPETVRATGADIILGNTYHLMLRP
GAERIAKLGGLHSFMG(FTR)DRPILTDSGGYQVMSLSSLTKQSEEGVTFKSHLDGSRHMLSPERSIEIQHLLGSDIVMA
FDECTPYPATPSRAASSMERSMR(FTR)AKRSRDAFDSRKEQAENAALFGIQQGSVFENLRQQSADALAEIGFDGYAVGG
LAVGEGQDEMFRVLDFSVPMLPDDKPHYLMGVGKPDDIVGAVERGIDMFDCVLPTRSGRNGQAFT(FTR)DGPINIRNAR
FSEDLKPLDSECHCAVCQK(FTR)SRAYIHHLIRAGEILGAMLMTEHNIAFYQQLMQKIRDSISEGRFSQFAQDFRARYF
ARNS
;
_entity_poly.pdbx_strand_id   A
#
loop_
_chem_comp.id
_chem_comp.type
_chem_comp.name
_chem_comp.formula
OQQ non-polymer 6-amino-2-(methylamino)-4-(4-(trifluoromethyl)phenethyl)-3,7-dihydro-8H-imidazo[4,5-g]quinazolin-8-one 'C19 H17 F3 N6 O'
ZN non-polymer 'ZINC ION' 'Zn 2'
#
# COMPACT_ATOMS: atom_id res chain seq x y z
N ASP A 12 18.18 19.98 6.05
CA ASP A 12 16.81 19.78 5.57
C ASP A 12 16.73 18.62 4.56
N ARG A 13 15.73 17.76 4.71
CA ARG A 13 15.65 16.59 3.86
C ARG A 13 15.33 17.00 2.42
N PRO A 14 15.71 16.16 1.46
CA PRO A 14 15.37 16.42 0.06
C PRO A 14 13.89 16.14 -0.20
N ARG A 15 13.45 16.55 -1.40
CA ARG A 15 12.11 16.19 -1.88
C ARG A 15 11.95 14.68 -1.90
N PHE A 16 12.94 13.96 -2.42
CA PHE A 16 12.86 12.51 -2.54
C PHE A 16 14.25 11.92 -2.75
N SER A 17 14.65 10.97 -1.89
N SER A 17 14.67 11.04 -1.88
CA SER A 17 15.92 10.25 -2.04
CA SER A 17 15.83 10.22 -2.13
C SER A 17 15.84 8.85 -1.47
C SER A 17 15.52 8.84 -1.61
N PHE A 18 15.99 7.84 -2.33
CA PHE A 18 15.96 6.42 -1.92
C PHE A 18 17.38 5.90 -1.88
N SER A 19 17.76 5.32 -0.74
N SER A 19 17.76 5.34 -0.73
CA SER A 19 19.08 4.71 -0.59
CA SER A 19 19.06 4.72 -0.54
C SER A 19 18.95 3.31 -0.03
C SER A 19 18.89 3.28 -0.05
N ILE A 20 19.64 2.36 -0.65
CA ILE A 20 19.62 0.96 -0.27
C ILE A 20 20.81 0.70 0.66
N ALA A 21 20.50 0.23 1.88
CA ALA A 21 21.53 0.00 2.89
C ALA A 21 22.06 -1.43 2.92
N ALA A 22 21.25 -2.41 2.53
CA ALA A 22 21.66 -3.82 2.57
C ALA A 22 20.78 -4.64 1.64
N ARG A 23 21.32 -5.75 1.15
N ARG A 23 21.32 -5.75 1.18
CA ARG A 23 20.64 -6.63 0.20
CA ARG A 23 20.63 -6.65 0.26
C ARG A 23 20.89 -8.10 0.56
C ARG A 23 20.82 -8.09 0.71
N GLU A 24 19.90 -8.95 0.28
CA GLU A 24 20.04 -10.39 0.42
C GLU A 24 19.18 -11.00 -0.68
N GLY A 25 19.82 -11.63 -1.66
CA GLY A 25 19.10 -12.07 -2.86
C GLY A 25 18.50 -10.87 -3.58
N LYS A 26 17.20 -10.98 -3.93
CA LYS A 26 16.45 -9.85 -4.49
C LYS A 26 15.90 -8.91 -3.43
N ALA A 27 15.99 -9.27 -2.13
CA ALA A 27 15.46 -8.43 -1.07
C ALA A 27 16.39 -7.26 -0.77
N ARG A 28 15.79 -6.09 -0.47
CA ARG A 28 16.54 -4.89 -0.13
C ARG A 28 15.96 -4.25 1.14
N THR A 29 16.80 -3.52 1.89
CA THR A 29 16.33 -2.68 2.99
C THR A 29 17.05 -1.34 2.92
N GLY A 30 16.34 -0.27 3.25
CA GLY A 30 16.91 1.07 3.14
C GLY A 30 15.94 2.14 3.62
N THR A 31 16.06 3.35 3.05
CA THR A 31 15.26 4.49 3.46
C THR A 31 14.87 5.36 2.27
N ILE A 32 13.66 5.89 2.33
CA ILE A 32 13.21 7.01 1.50
C ILE A 32 13.20 8.25 2.36
N GLU A 33 13.96 9.27 1.96
N GLU A 33 13.93 9.30 1.96
CA GLU A 33 13.88 10.59 2.56
CA GLU A 33 13.88 10.59 2.64
C GLU A 33 12.90 11.46 1.78
C GLU A 33 13.01 11.55 1.84
N MET A 34 12.06 12.18 2.52
CA MET A 34 11.16 13.18 1.95
C MET A 34 11.11 14.36 2.93
N LYS A 35 10.51 15.47 2.50
CA LYS A 35 10.54 16.66 3.34
C LYS A 35 9.87 16.42 4.70
N ARG A 36 8.79 15.65 4.73
N ARG A 36 8.79 15.65 4.73
CA ARG A 36 8.04 15.45 5.97
CA ARG A 36 8.05 15.45 5.96
C ARG A 36 8.53 14.28 6.82
C ARG A 36 8.56 14.30 6.83
N GLY A 37 9.48 13.49 6.34
CA GLY A 37 10.02 12.40 7.15
C GLY A 37 10.78 11.35 6.37
N VAL A 38 11.36 10.40 7.13
CA VAL A 38 12.06 9.24 6.59
C VAL A 38 11.14 8.03 6.64
N ILE A 39 11.13 7.26 5.55
CA ILE A 39 10.35 6.02 5.45
C ILE A 39 11.33 4.85 5.40
N ARG A 40 11.28 3.95 6.41
CA ARG A 40 12.11 2.76 6.43
C ARG A 40 11.51 1.66 5.57
N THR A 41 12.33 1.03 4.71
CA THR A 41 11.83 0.01 3.79
C THR A 41 12.56 -1.32 4.02
N PRO A 42 11.85 -2.46 3.83
CA PRO A 42 10.44 -2.57 3.43
C PRO A 42 9.45 -1.94 4.43
N ALA A 43 8.43 -1.26 3.91
CA ALA A 43 7.47 -0.50 4.69
C ALA A 43 6.05 -1.02 4.54
N PHE A 44 5.32 -1.04 5.65
N PHE A 44 5.30 -1.02 5.65
CA PHE A 44 3.86 -1.17 5.59
CA PHE A 44 3.84 -1.19 5.60
C PHE A 44 3.22 0.20 5.78
C PHE A 44 3.17 0.16 5.83
N MET A 45 2.18 0.47 4.99
CA MET A 45 1.52 1.77 4.95
C MET A 45 0.05 1.58 5.29
N PRO A 46 -0.34 1.78 6.55
CA PRO A 46 -1.74 1.56 6.94
C PRO A 46 -2.64 2.73 6.58
N VAL A 47 -3.95 2.48 6.60
CA VAL A 47 -4.91 3.55 6.34
C VAL A 47 -4.82 4.59 7.46
N GLY A 48 -5.02 5.86 7.11
CA GLY A 48 -4.81 6.90 8.10
C GLY A 48 -5.89 6.90 9.15
N THR A 49 -7.10 6.53 8.75
CA THR A 49 -8.31 6.60 9.55
C THR A 49 -8.43 5.43 10.50
N ALA A 50 -7.40 4.60 10.60
CA ALA A 50 -7.34 3.48 11.51
C ALA A 50 -7.31 3.96 12.95
N THR A 64 9.10 2.42 15.80
CA THR A 64 8.62 1.33 14.97
C THR A 64 7.21 1.55 14.42
N GLY A 65 6.52 2.61 14.84
CA GLY A 65 5.24 2.93 14.26
C GLY A 65 5.37 3.23 12.77
N ALA A 66 4.23 3.39 12.11
CA ALA A 66 4.25 3.65 10.67
C ALA A 66 4.94 4.96 10.37
N ASP A 67 5.66 4.99 9.25
CA ASP A 67 6.36 6.17 8.74
C ASP A 67 5.55 6.95 7.71
N ILE A 68 4.49 6.36 7.17
CA ILE A 68 3.66 6.93 6.10
C ILE A 68 2.30 6.25 6.23
N ILE A 69 1.23 6.99 5.96
N ILE A 69 1.23 7.00 5.96
CA ILE A 69 -0.12 6.45 5.95
CA ILE A 69 -0.12 6.44 5.96
C ILE A 69 -0.76 6.68 4.58
C ILE A 69 -0.80 6.73 4.62
N LEU A 70 -1.87 5.98 4.36
CA LEU A 70 -2.66 6.13 3.14
C LEU A 70 -3.85 7.07 3.37
N GLY A 71 -4.02 8.03 2.47
CA GLY A 71 -5.28 8.72 2.34
C GLY A 71 -6.19 7.99 1.36
N ASN A 72 -7.48 8.28 1.43
CA ASN A 72 -8.50 7.60 0.61
C ASN A 72 -9.04 8.58 -0.43
N THR A 73 -8.36 8.66 -1.59
CA THR A 73 -8.73 9.63 -2.61
C THR A 73 -10.20 9.51 -3.02
N TYR A 74 -10.64 8.28 -3.27
CA TYR A 74 -12.00 8.06 -3.75
C TYR A 74 -13.02 8.57 -2.75
N HIS A 75 -12.87 8.23 -1.47
CA HIS A 75 -13.81 8.72 -0.47
C HIS A 75 -13.75 10.23 -0.35
N LEU A 76 -12.53 10.80 -0.23
CA LEU A 76 -12.39 12.22 0.03
C LEU A 76 -12.90 13.06 -1.14
N MET A 77 -12.76 12.57 -2.37
CA MET A 77 -13.22 13.38 -3.49
C MET A 77 -14.74 13.50 -3.51
N LEU A 78 -15.44 12.60 -2.83
CA LEU A 78 -16.89 12.62 -2.71
C LEU A 78 -17.38 13.25 -1.41
N ARG A 79 -16.68 13.02 -0.30
CA ARG A 79 -17.03 13.57 1.01
C ARG A 79 -15.74 13.94 1.74
N PRO A 80 -15.46 15.24 1.95
CA PRO A 80 -16.23 16.45 1.64
C PRO A 80 -15.97 17.05 0.27
N GLY A 81 -15.13 16.40 -0.52
CA GLY A 81 -14.63 16.96 -1.77
C GLY A 81 -13.22 17.51 -1.61
N ALA A 82 -12.43 17.39 -2.68
CA ALA A 82 -11.03 17.81 -2.61
C ALA A 82 -10.88 19.31 -2.39
N GLU A 83 -11.70 20.13 -3.03
N GLU A 83 -11.68 20.13 -3.07
CA GLU A 83 -11.64 21.57 -2.82
CA GLU A 83 -11.65 21.56 -2.82
C GLU A 83 -11.97 21.95 -1.38
C GLU A 83 -11.88 21.86 -1.33
N ARG A 84 -12.88 21.22 -0.74
CA ARG A 84 -13.16 21.48 0.67
C ARG A 84 -12.01 21.05 1.57
N ILE A 85 -11.37 19.91 1.26
CA ILE A 85 -10.20 19.52 2.05
C ILE A 85 -9.12 20.60 1.95
N ALA A 86 -8.87 21.14 0.75
CA ALA A 86 -7.91 22.23 0.61
C ALA A 86 -8.33 23.46 1.42
N LYS A 87 -9.62 23.80 1.41
N LYS A 87 -9.62 23.80 1.41
CA LYS A 87 -10.06 24.95 2.20
CA LYS A 87 -10.09 24.94 2.20
C LYS A 87 -9.80 24.73 3.69
C LYS A 87 -9.85 24.73 3.68
N LEU A 88 -9.90 23.48 4.14
CA LEU A 88 -9.63 23.16 5.54
C LEU A 88 -8.13 23.03 5.87
N GLY A 89 -7.25 23.23 4.90
CA GLY A 89 -5.82 23.26 5.13
C GLY A 89 -5.05 22.07 4.58
N GLY A 90 -5.71 21.17 3.86
CA GLY A 90 -5.07 19.97 3.36
C GLY A 90 -5.21 18.81 4.31
N LEU A 91 -4.90 17.62 3.80
CA LEU A 91 -5.15 16.40 4.55
C LEU A 91 -4.26 16.27 5.78
N HIS A 92 -3.01 16.76 5.74
CA HIS A 92 -2.17 16.65 6.93
C HIS A 92 -2.79 17.38 8.12
N SER A 93 -3.17 18.65 7.92
CA SER A 93 -3.85 19.40 8.97
C SER A 93 -5.17 18.76 9.36
N PHE A 94 -5.96 18.34 8.36
CA PHE A 94 -7.29 17.78 8.62
C PHE A 94 -7.24 16.57 9.54
N MET A 95 -6.33 15.63 9.30
N MET A 95 -6.32 15.63 9.27
CA MET A 95 -6.28 14.41 10.10
CA MET A 95 -6.19 14.39 10.02
C MET A 95 -5.20 14.45 11.18
C MET A 95 -5.35 14.53 11.27
N GLY A 96 -4.55 15.59 11.37
CA GLY A 96 -3.59 15.73 12.45
C GLY A 96 -2.38 14.84 12.29
N FTR A 97 -1.88 14.70 11.06
CA FTR A 97 -0.73 13.86 10.79
CB FTR A 97 -1.09 12.57 10.08
CG FTR A 97 -0.04 11.70 9.55
CD2 FTR A 97 0.61 10.60 10.26
CE2 FTR A 97 1.56 10.02 9.35
CE3 FTR A 97 0.49 10.07 11.54
CD1 FTR A 97 0.53 11.72 8.30
NE1 FTR A 97 1.49 10.72 8.15
CZ2 FTR A 97 2.37 8.94 9.70
CZ3 FTR A 97 1.31 8.98 11.87
F FTR A 97 1.18 8.45 13.12
CH2 FTR A 97 2.24 8.42 10.97
C FTR A 97 0.30 14.66 9.95
O FTR A 97 -0.05 15.02 8.79
HA FTR A 97 -0.30 13.60 11.62
HB2 FTR A 97 -1.67 12.81 9.33
HB3 FTR A 97 -1.63 12.05 10.68
HE3 FTR A 97 -0.11 10.42 12.15
HD1 FTR A 97 0.35 12.30 7.59
HZ2 FTR A 97 2.97 8.57 9.10
HH2 FTR A 97 2.76 7.70 11.25
N ASP A 98 1.47 14.96 10.51
CA ASP A 98 2.40 15.84 9.81
C ASP A 98 3.52 15.11 9.06
N ARG A 99 3.42 13.80 8.98
N ARG A 99 3.39 13.79 8.97
CA ARG A 99 4.41 12.97 8.32
CA ARG A 99 4.39 12.98 8.30
C ARG A 99 3.93 12.62 6.90
C ARG A 99 3.91 12.58 6.91
N PRO A 100 4.68 11.82 6.13
CA PRO A 100 4.26 11.54 4.75
C PRO A 100 2.91 10.84 4.65
N ILE A 101 2.21 11.13 3.55
CA ILE A 101 0.94 10.54 3.18
C ILE A 101 1.04 10.12 1.71
N LEU A 102 0.58 8.91 1.41
CA LEU A 102 0.44 8.42 0.04
C LEU A 102 -1.04 8.40 -0.34
N THR A 103 -1.36 8.83 -1.57
CA THR A 103 -2.72 8.69 -2.11
C THR A 103 -2.70 7.90 -3.41
N ASP A 104 -3.71 7.04 -3.59
CA ASP A 104 -3.91 6.39 -4.88
C ASP A 104 -4.61 7.37 -5.83
N SER A 105 -4.65 6.99 -7.10
CA SER A 105 -5.17 7.87 -8.15
C SER A 105 -6.68 7.78 -8.34
N GLY A 106 -7.37 6.81 -7.72
CA GLY A 106 -8.81 6.78 -7.62
C GLY A 106 -9.53 5.85 -8.59
N GLY A 107 -8.92 5.50 -9.72
CA GLY A 107 -9.64 4.73 -10.72
C GLY A 107 -9.92 3.31 -10.29
N TYR A 108 -8.99 2.68 -9.54
CA TYR A 108 -9.24 1.34 -9.03
C TYR A 108 -10.53 1.32 -8.22
N GLN A 109 -10.67 2.25 -7.28
CA GLN A 109 -11.86 2.26 -6.44
C GLN A 109 -13.11 2.65 -7.23
N VAL A 110 -12.99 3.59 -8.17
CA VAL A 110 -14.16 3.91 -9.00
C VAL A 110 -14.66 2.65 -9.69
N MET A 111 -13.73 1.88 -10.27
CA MET A 111 -14.17 0.73 -11.06
C MET A 111 -14.70 -0.38 -10.16
N SER A 112 -14.20 -0.49 -8.93
N SER A 112 -14.17 -0.49 -8.94
CA SER A 112 -14.67 -1.56 -8.06
CA SER A 112 -14.61 -1.52 -8.02
C SER A 112 -15.92 -1.22 -7.29
C SER A 112 -15.97 -1.19 -7.40
N LEU A 113 -16.19 0.07 -7.01
CA LEU A 113 -17.29 0.43 -6.14
C LEU A 113 -18.45 1.20 -6.78
N SER A 114 -18.20 2.04 -7.77
CA SER A 114 -19.29 2.88 -8.21
C SER A 114 -20.25 2.11 -9.12
N SER A 115 -21.48 2.61 -9.22
CA SER A 115 -22.57 1.82 -9.76
C SER A 115 -22.55 1.74 -11.28
N LEU A 116 -22.31 2.88 -11.94
CA LEU A 116 -22.26 2.94 -13.40
C LEU A 116 -20.99 3.68 -13.77
N THR A 117 -20.32 3.19 -14.81
CA THR A 117 -19.07 3.78 -15.26
C THR A 117 -19.07 3.82 -16.78
N LYS A 118 -18.42 4.85 -17.31
CA LYS A 118 -18.25 5.03 -18.74
C LYS A 118 -16.78 5.35 -18.99
N GLN A 119 -16.12 4.50 -19.77
CA GLN A 119 -14.68 4.62 -20.00
C GLN A 119 -14.39 5.20 -21.38
N SER A 120 -13.35 6.02 -21.46
CA SER A 120 -12.90 6.58 -22.73
C SER A 120 -11.42 6.93 -22.64
N GLU A 121 -10.86 7.36 -23.77
CA GLU A 121 -9.45 7.79 -23.75
C GLU A 121 -9.24 9.00 -22.83
N GLU A 122 -10.27 9.83 -22.62
CA GLU A 122 -10.13 10.99 -21.73
C GLU A 122 -10.02 10.57 -20.27
N GLY A 123 -10.75 9.53 -19.86
CA GLY A 123 -10.82 9.13 -18.46
C GLY A 123 -12.06 8.28 -18.21
N VAL A 124 -12.53 8.29 -16.98
N VAL A 124 -12.53 8.30 -16.97
CA VAL A 124 -13.70 7.49 -16.61
CA VAL A 124 -13.67 7.51 -16.54
C VAL A 124 -14.75 8.40 -16.01
C VAL A 124 -14.75 8.44 -16.01
N THR A 125 -15.98 8.24 -16.49
CA THR A 125 -17.15 8.92 -15.95
C THR A 125 -17.90 7.93 -15.07
N PHE A 126 -18.45 8.39 -13.96
CA PHE A 126 -19.09 7.47 -13.03
C PHE A 126 -20.14 8.20 -12.20
N LYS A 127 -21.04 7.41 -11.62
CA LYS A 127 -22.10 7.94 -10.76
C LYS A 127 -21.85 7.58 -9.29
N SER A 133 -25.23 12.77 -8.58
CA SER A 133 -24.29 13.53 -9.40
C SER A 133 -23.25 12.61 -10.06
N ARG A 134 -23.02 12.81 -11.35
CA ARG A 134 -22.03 12.06 -12.11
C ARG A 134 -20.71 12.84 -12.18
N HIS A 135 -19.62 12.10 -12.40
CA HIS A 135 -18.28 12.68 -12.33
C HIS A 135 -17.37 12.11 -13.40
N MET A 136 -16.38 12.90 -13.82
CA MET A 136 -15.28 12.45 -14.68
C MET A 136 -13.98 12.47 -13.89
N LEU A 137 -13.22 11.39 -13.99
CA LEU A 137 -11.88 11.29 -13.44
C LEU A 137 -10.95 11.04 -14.62
N SER A 138 -9.95 11.89 -14.79
CA SER A 138 -8.97 11.82 -15.86
C SER A 138 -7.60 11.87 -15.23
N PRO A 139 -6.53 11.64 -16.01
CA PRO A 139 -5.18 11.85 -15.45
C PRO A 139 -5.03 13.24 -14.84
N GLU A 140 -5.47 14.27 -15.57
CA GLU A 140 -5.28 15.63 -15.10
C GLU A 140 -6.08 15.89 -13.82
N ARG A 141 -7.34 15.42 -13.77
CA ARG A 141 -8.16 15.66 -12.58
C ARG A 141 -7.66 14.86 -11.39
N SER A 142 -7.17 13.64 -11.63
CA SER A 142 -6.66 12.84 -10.52
C SER A 142 -5.44 13.50 -9.88
N ILE A 143 -4.54 14.02 -10.70
CA ILE A 143 -3.36 14.69 -10.16
C ILE A 143 -3.77 15.96 -9.42
N GLU A 144 -4.74 16.71 -9.95
CA GLU A 144 -5.18 17.92 -9.25
C GLU A 144 -5.85 17.58 -7.92
N ILE A 145 -6.67 16.53 -7.88
CA ILE A 145 -7.29 16.13 -6.61
C ILE A 145 -6.21 15.80 -5.59
N GLN A 146 -5.21 14.99 -5.99
CA GLN A 146 -4.14 14.64 -5.06
C GLN A 146 -3.33 15.87 -4.64
N HIS A 147 -3.22 16.87 -5.53
CA HIS A 147 -2.58 18.14 -5.17
C HIS A 147 -3.38 18.88 -4.10
N LEU A 148 -4.71 18.99 -4.29
CA LEU A 148 -5.57 19.66 -3.32
C LEU A 148 -5.54 18.94 -1.97
N LEU A 149 -5.45 17.61 -2.00
CA LEU A 149 -5.34 16.87 -0.73
C LEU A 149 -3.99 17.10 -0.06
N GLY A 150 -2.95 17.41 -0.85
CA GLY A 150 -1.64 17.68 -0.27
C GLY A 150 -0.79 16.46 0.00
N SER A 151 -1.04 15.34 -0.68
CA SER A 151 -0.26 14.15 -0.36
C SER A 151 1.19 14.26 -0.83
N ASP A 152 2.05 13.48 -0.18
CA ASP A 152 3.48 13.48 -0.47
C ASP A 152 3.88 12.50 -1.56
N ILE A 153 3.26 11.32 -1.61
CA ILE A 153 3.49 10.38 -2.70
C ILE A 153 2.18 10.28 -3.48
N VAL A 154 2.25 10.65 -4.76
CA VAL A 154 1.13 10.75 -5.69
C VAL A 154 1.25 9.60 -6.69
N MET A 155 0.15 8.85 -6.89
CA MET A 155 0.13 7.80 -7.90
C MET A 155 -0.39 8.30 -9.25
N ALA A 156 0.27 7.86 -10.31
CA ALA A 156 -0.25 8.10 -11.65
C ALA A 156 -1.64 7.49 -11.79
N PHE A 157 -2.45 8.07 -12.68
CA PHE A 157 -3.80 7.59 -12.99
C PHE A 157 -3.72 6.47 -14.03
N ASP A 158 -4.08 5.25 -13.61
CA ASP A 158 -3.95 4.04 -14.41
C ASP A 158 -5.27 3.28 -14.46
N GLU A 159 -5.27 2.24 -15.29
CA GLU A 159 -6.36 1.27 -15.39
C GLU A 159 -5.87 -0.07 -14.86
N CYS A 160 -6.51 -0.58 -13.78
CA CYS A 160 -6.18 -1.90 -13.24
C CYS A 160 -6.94 -2.95 -14.05
N THR A 161 -6.24 -3.61 -14.96
CA THR A 161 -6.89 -4.54 -15.89
C THR A 161 -7.59 -5.64 -15.12
N PRO A 162 -8.85 -5.94 -15.45
CA PRO A 162 -9.52 -7.08 -14.81
C PRO A 162 -8.81 -8.39 -15.08
N TYR A 163 -9.02 -9.34 -14.17
CA TYR A 163 -8.44 -10.68 -14.25
C TYR A 163 -9.55 -11.72 -14.27
N PRO A 164 -9.49 -12.70 -15.17
CA PRO A 164 -8.47 -12.86 -16.21
C PRO A 164 -8.66 -11.92 -17.40
N ALA A 165 -7.60 -11.71 -18.16
CA ALA A 165 -7.64 -10.91 -19.39
C ALA A 165 -6.96 -11.66 -20.52
N THR A 166 -7.51 -11.53 -21.73
CA THR A 166 -6.82 -12.08 -22.89
C THR A 166 -5.59 -11.23 -23.22
N PRO A 167 -4.60 -11.80 -23.91
CA PRO A 167 -3.46 -10.99 -24.36
C PRO A 167 -3.84 -9.70 -25.08
N SER A 168 -4.84 -9.75 -25.97
CA SER A 168 -5.19 -8.55 -26.71
C SER A 168 -5.79 -7.48 -25.81
N ARG A 169 -6.68 -7.88 -24.90
CA ARG A 169 -7.30 -6.90 -24.03
C ARG A 169 -6.31 -6.39 -22.99
N ALA A 170 -5.43 -7.26 -22.49
CA ALA A 170 -4.39 -6.80 -21.57
C ALA A 170 -3.46 -5.78 -22.23
N ALA A 171 -3.15 -5.99 -23.51
CA ALA A 171 -2.26 -5.07 -24.22
C ALA A 171 -2.92 -3.71 -24.47
N SER A 172 -4.16 -3.70 -24.97
N SER A 172 -4.14 -3.71 -25.00
CA SER A 172 -4.83 -2.42 -25.20
CA SER A 172 -4.86 -2.46 -25.20
C SER A 172 -5.08 -1.66 -23.91
C SER A 172 -4.99 -1.68 -23.89
N SER A 173 -5.33 -2.35 -22.80
CA SER A 173 -5.47 -1.68 -21.51
C SER A 173 -4.15 -1.09 -21.05
N MET A 174 -3.07 -1.88 -21.11
CA MET A 174 -1.75 -1.41 -20.71
C MET A 174 -1.32 -0.21 -21.54
N GLU A 175 -1.59 -0.23 -22.85
CA GLU A 175 -1.19 0.88 -23.71
C GLU A 175 -1.91 2.17 -23.31
N ARG A 176 -3.21 2.07 -23.01
CA ARG A 176 -3.92 3.24 -22.51
C ARG A 176 -3.32 3.73 -21.19
N SER A 177 -3.01 2.80 -20.28
CA SER A 177 -2.41 3.22 -19.02
C SER A 177 -1.08 3.95 -19.24
N MET A 178 -0.29 3.52 -20.23
CA MET A 178 0.99 4.21 -20.45
C MET A 178 0.76 5.61 -21.04
N ARG A 179 -0.23 5.77 -21.90
CA ARG A 179 -0.56 7.12 -22.38
C ARG A 179 -1.04 7.99 -21.22
N FTR A 180 -1.84 7.40 -20.34
CA FTR A 180 -2.26 8.09 -19.14
CB FTR A 180 -3.33 7.30 -18.37
CG FTR A 180 -4.64 7.31 -19.06
CD2 FTR A 180 -5.85 6.61 -18.65
CE2 FTR A 180 -6.89 6.91 -19.58
CE3 FTR A 180 -6.13 5.77 -17.57
CD1 FTR A 180 -5.00 7.99 -20.24
NE1 FTR A 180 -6.34 7.76 -20.55
CZ2 FTR A 180 -8.17 6.38 -19.46
CZ3 FTR A 180 -7.42 5.26 -17.45
F FTR A 180 -7.72 4.43 -16.40
CH2 FTR A 180 -8.44 5.56 -18.39
C FTR A 180 -1.10 8.40 -18.14
O FTR A 180 -1.19 9.40 -17.40
HA FTR A 180 -2.62 8.96 -19.40
HB2 FTR A 180 -3.43 7.66 -17.48
HB3 FTR A 180 -3.04 6.38 -18.27
HE3 FTR A 180 -5.48 5.57 -16.94
HD1 FTR A 180 -4.48 8.53 -20.78
HZ2 FTR A 180 -8.84 6.59 -20.08
HH2 FTR A 180 -9.28 5.20 -18.26
N ALA A 181 -0.06 7.56 -18.15
CA ALA A 181 1.09 7.81 -17.26
C ALA A 181 1.85 9.06 -17.70
N LYS A 182 1.98 9.24 -19.02
CA LYS A 182 2.62 10.45 -19.54
C LYS A 182 1.79 11.69 -19.23
N ARG A 183 0.45 11.61 -19.40
CA ARG A 183 -0.41 12.73 -19.03
C ARG A 183 -0.33 13.04 -17.53
N SER A 184 -0.15 12.00 -16.70
CA SER A 184 -0.02 12.20 -15.25
C SER A 184 1.26 12.94 -14.92
N ARG A 185 2.37 12.52 -15.53
CA ARG A 185 3.67 13.17 -15.40
C ARG A 185 3.59 14.65 -15.75
N ASP A 186 2.94 14.94 -16.89
CA ASP A 186 2.89 16.33 -17.36
C ASP A 186 2.03 17.18 -16.43
N ALA A 187 0.92 16.63 -15.94
CA ALA A 187 0.06 17.38 -15.04
C ALA A 187 0.76 17.68 -13.72
N PHE A 188 1.44 16.68 -13.16
CA PHE A 188 2.21 16.86 -11.93
C PHE A 188 3.28 17.94 -12.08
N ASP A 189 4.01 17.91 -13.19
CA ASP A 189 5.09 18.86 -13.40
C ASP A 189 4.59 20.29 -13.63
N SER A 190 3.32 20.45 -13.98
N SER A 190 3.31 20.46 -13.96
CA SER A 190 2.78 21.78 -14.24
CA SER A 190 2.75 21.77 -14.24
C SER A 190 2.45 22.55 -12.97
C SER A 190 2.23 22.49 -13.00
N ARG A 191 2.36 21.88 -11.82
CA ARG A 191 1.97 22.48 -10.55
C ARG A 191 3.22 22.60 -9.68
N LYS A 192 3.76 23.82 -9.59
CA LYS A 192 5.04 24.05 -8.91
C LYS A 192 5.07 23.48 -7.50
N GLU A 193 4.03 23.75 -6.70
CA GLU A 193 4.06 23.30 -5.31
C GLU A 193 4.15 21.79 -5.26
N GLN A 194 3.50 21.12 -6.20
CA GLN A 194 3.53 19.66 -6.25
C GLN A 194 4.89 19.16 -6.75
N ALA A 195 5.36 19.68 -7.88
CA ALA A 195 6.62 19.22 -8.45
C ALA A 195 7.79 19.41 -7.49
N GLU A 196 7.76 20.48 -6.69
CA GLU A 196 8.88 20.79 -5.80
C GLU A 196 8.83 20.08 -4.45
N ASN A 197 7.66 19.60 -4.00
CA ASN A 197 7.51 19.09 -2.64
C ASN A 197 7.00 17.65 -2.55
N ALA A 198 6.38 17.13 -3.60
CA ALA A 198 5.83 15.77 -3.62
C ALA A 198 6.65 14.88 -4.57
N ALA A 199 6.32 13.60 -4.61
CA ALA A 199 6.92 12.63 -5.51
C ALA A 199 5.83 11.92 -6.31
N LEU A 200 6.15 11.45 -7.52
CA LEU A 200 5.19 10.80 -8.40
C LEU A 200 5.66 9.39 -8.74
N PHE A 201 4.77 8.40 -8.54
CA PHE A 201 5.06 7.00 -8.87
C PHE A 201 4.29 6.57 -10.12
N GLY A 202 4.97 5.84 -11.01
CA GLY A 202 4.31 5.24 -12.18
C GLY A 202 3.88 3.81 -11.85
N ILE A 203 2.85 3.32 -12.53
CA ILE A 203 2.27 2.00 -12.23
C ILE A 203 2.37 1.09 -13.44
N GLN A 204 3.08 -0.04 -13.25
CA GLN A 204 3.21 -1.07 -14.29
C GLN A 204 1.92 -1.89 -14.41
N GLN A 205 1.48 -2.12 -15.65
CA GLN A 205 0.37 -3.02 -15.94
C GLN A 205 0.82 -4.13 -16.91
N GLY A 206 -0.11 -4.83 -17.56
CA GLY A 206 0.27 -5.93 -18.40
C GLY A 206 -0.24 -7.29 -17.97
N SER A 207 -1.12 -7.32 -16.97
CA SER A 207 -1.79 -8.55 -16.50
C SER A 207 -0.70 -9.57 -16.13
N VAL A 208 -0.80 -10.82 -16.59
CA VAL A 208 0.14 -11.87 -16.22
C VAL A 208 1.14 -12.17 -17.34
N PHE A 209 1.26 -11.28 -18.33
CA PHE A 209 2.05 -11.55 -19.53
C PHE A 209 3.42 -10.87 -19.49
N GLU A 210 4.46 -11.66 -19.61
CA GLU A 210 5.83 -11.16 -19.47
C GLU A 210 6.15 -10.09 -20.51
N ASN A 211 5.78 -10.31 -21.78
CA ASN A 211 6.12 -9.32 -22.80
C ASN A 211 5.41 -7.98 -22.55
N LEU A 212 4.16 -8.00 -22.06
CA LEU A 212 3.48 -6.74 -21.80
C LEU A 212 4.03 -6.04 -20.57
N ARG A 213 4.41 -6.81 -19.55
CA ARG A 213 5.03 -6.23 -18.37
C ARG A 213 6.34 -5.55 -18.73
N GLN A 214 7.09 -6.12 -19.68
CA GLN A 214 8.33 -5.52 -20.17
C GLN A 214 8.05 -4.22 -20.92
N GLN A 215 7.09 -4.23 -21.85
CA GLN A 215 6.75 -3.01 -22.57
C GLN A 215 6.32 -1.91 -21.61
N SER A 216 5.55 -2.27 -20.57
CA SER A 216 5.06 -1.29 -19.62
C SER A 216 6.21 -0.70 -18.82
N ALA A 217 7.10 -1.58 -18.32
CA ALA A 217 8.28 -1.10 -17.60
C ALA A 217 9.11 -0.15 -18.46
N ASP A 218 9.33 -0.50 -19.73
CA ASP A 218 10.12 0.36 -20.63
C ASP A 218 9.45 1.72 -20.81
N ALA A 219 8.13 1.74 -21.02
CA ALA A 219 7.42 3.01 -21.20
C ALA A 219 7.54 3.89 -19.97
N LEU A 220 7.36 3.30 -18.79
CA LEU A 220 7.45 4.07 -17.56
C LEU A 220 8.86 4.62 -17.33
N ALA A 221 9.89 3.82 -17.61
CA ALA A 221 11.26 4.32 -17.41
C ALA A 221 11.61 5.42 -18.39
N GLU A 222 11.04 5.38 -19.61
CA GLU A 222 11.30 6.45 -20.56
C GLU A 222 10.69 7.77 -20.10
N ILE A 223 9.51 7.72 -19.48
CA ILE A 223 8.88 8.92 -18.96
C ILE A 223 9.66 9.42 -17.75
N GLY A 224 9.97 8.49 -16.84
CA GLY A 224 10.73 8.78 -15.65
C GLY A 224 9.85 9.10 -14.46
N PHE A 225 9.99 8.32 -13.36
CA PHE A 225 9.21 8.51 -12.14
C PHE A 225 10.14 8.39 -10.93
N ASP A 226 9.63 8.84 -9.78
CA ASP A 226 10.40 8.74 -8.53
C ASP A 226 10.39 7.32 -7.96
N GLY A 227 9.33 6.58 -8.21
CA GLY A 227 9.18 5.21 -7.77
C GLY A 227 8.27 4.50 -8.74
N TYR A 228 8.21 3.16 -8.62
CA TYR A 228 7.50 2.30 -9.57
C TYR A 228 6.66 1.29 -8.82
N ALA A 229 5.38 1.27 -9.12
CA ALA A 229 4.46 0.30 -8.54
C ALA A 229 4.19 -0.85 -9.51
N VAL A 230 3.96 -2.04 -8.94
CA VAL A 230 3.45 -3.18 -9.69
C VAL A 230 1.93 -3.17 -9.48
N GLY A 231 1.20 -2.78 -10.52
CA GLY A 231 -0.24 -2.79 -10.50
C GLY A 231 -0.80 -4.05 -11.13
N GLY A 232 -2.13 -4.16 -11.10
CA GLY A 232 -2.84 -5.24 -11.75
C GLY A 232 -2.79 -6.59 -11.08
N LEU A 233 -2.32 -6.68 -9.84
CA LEU A 233 -2.28 -7.92 -9.09
C LEU A 233 -3.17 -7.79 -7.85
N ALA A 234 -3.30 -8.88 -7.10
CA ALA A 234 -4.27 -8.99 -6.01
C ALA A 234 -5.68 -8.69 -6.52
N VAL A 235 -6.02 -9.30 -7.66
CA VAL A 235 -7.32 -9.10 -8.32
C VAL A 235 -7.96 -10.44 -8.62
N GLY A 236 -7.59 -11.46 -7.84
CA GLY A 236 -8.22 -12.76 -7.96
C GLY A 236 -7.34 -13.87 -8.50
N GLU A 237 -6.07 -13.59 -8.78
CA GLU A 237 -5.20 -14.56 -9.40
C GLU A 237 -4.62 -15.58 -8.43
N GLY A 238 -4.60 -15.30 -7.14
CA GLY A 238 -4.01 -16.29 -6.23
C GLY A 238 -2.51 -16.12 -6.05
N GLN A 239 -2.01 -16.59 -4.91
CA GLN A 239 -0.64 -16.30 -4.52
C GLN A 239 0.38 -16.93 -5.46
N ASP A 240 0.15 -18.18 -5.87
CA ASP A 240 1.12 -18.84 -6.75
C ASP A 240 1.33 -18.03 -8.02
N GLU A 241 0.22 -17.60 -8.64
CA GLU A 241 0.31 -16.84 -9.89
C GLU A 241 0.90 -15.46 -9.64
N MET A 242 0.50 -14.81 -8.54
CA MET A 242 1.07 -13.51 -8.22
C MET A 242 2.59 -13.58 -8.09
N PHE A 243 3.09 -14.60 -7.38
CA PHE A 243 4.53 -14.73 -7.21
C PHE A 243 5.23 -15.01 -8.53
N ARG A 244 4.61 -15.83 -9.39
CA ARG A 244 5.15 -16.11 -10.73
C ARG A 244 5.31 -14.81 -11.53
N VAL A 245 4.30 -13.95 -11.49
CA VAL A 245 4.39 -12.69 -12.23
C VAL A 245 5.44 -11.76 -11.61
N LEU A 246 5.49 -11.70 -10.28
CA LEU A 246 6.53 -10.88 -9.63
C LEU A 246 7.93 -11.36 -9.99
N ASP A 247 8.12 -12.68 -10.11
CA ASP A 247 9.43 -13.25 -10.42
C ASP A 247 10.06 -12.58 -11.64
N PHE A 248 9.30 -12.37 -12.72
CA PHE A 248 9.86 -11.69 -13.89
C PHE A 248 9.56 -10.19 -13.97
N SER A 249 8.53 -9.70 -13.27
CA SER A 249 8.16 -8.29 -13.41
C SER A 249 9.05 -7.33 -12.60
N VAL A 250 9.41 -7.69 -11.37
CA VAL A 250 10.10 -6.70 -10.54
C VAL A 250 11.49 -6.40 -11.11
N PRO A 251 12.23 -7.37 -11.63
CA PRO A 251 13.57 -7.06 -12.21
C PRO A 251 13.51 -6.12 -13.42
N MET A 252 12.35 -5.95 -14.03
CA MET A 252 12.20 -5.02 -15.16
C MET A 252 12.21 -3.56 -14.72
N LEU A 253 11.85 -3.29 -13.47
CA LEU A 253 11.82 -1.92 -12.96
C LEU A 253 13.22 -1.45 -12.62
N PRO A 254 13.46 -0.14 -12.60
CA PRO A 254 14.77 0.37 -12.19
C PRO A 254 15.13 -0.13 -10.80
N ASP A 255 16.34 -0.66 -10.68
CA ASP A 255 16.79 -1.20 -9.39
C ASP A 255 16.95 -0.10 -8.34
N ASP A 256 17.33 1.12 -8.75
CA ASP A 256 17.70 2.16 -7.80
C ASP A 256 16.53 2.99 -7.31
N LYS A 257 15.30 2.55 -7.60
CA LYS A 257 14.09 3.24 -7.19
C LYS A 257 13.19 2.30 -6.40
N PRO A 258 12.32 2.84 -5.53
CA PRO A 258 11.47 1.95 -4.73
C PRO A 258 10.43 1.25 -5.58
N HIS A 259 10.00 0.07 -5.08
CA HIS A 259 9.05 -0.82 -5.75
C HIS A 259 7.85 -1.04 -4.82
N TYR A 260 6.66 -0.65 -5.26
CA TYR A 260 5.44 -0.70 -4.44
C TYR A 260 4.48 -1.72 -5.05
N LEU A 261 4.18 -2.82 -4.32
CA LEU A 261 3.17 -3.78 -4.78
C LEU A 261 1.80 -3.38 -4.23
N MET A 262 0.88 -2.99 -5.13
CA MET A 262 -0.38 -2.42 -4.70
C MET A 262 -1.39 -3.49 -4.32
N GLY A 263 -2.04 -3.29 -3.18
CA GLY A 263 -3.16 -4.16 -2.82
C GLY A 263 -2.81 -5.38 -1.99
N VAL A 264 -1.56 -5.51 -1.55
CA VAL A 264 -1.02 -6.71 -0.87
C VAL A 264 -0.46 -6.33 0.51
N GLY A 265 -0.98 -6.93 1.59
CA GLY A 265 -1.75 -8.15 1.64
C GLY A 265 -1.47 -8.90 2.96
N LYS A 266 -1.73 -10.19 2.90
CA LYS A 266 -1.52 -11.05 4.02
C LYS A 266 -0.04 -11.06 4.42
N PRO A 267 0.27 -11.37 5.69
CA PRO A 267 1.69 -11.43 6.09
C PRO A 267 2.55 -12.35 5.23
N ASP A 268 2.03 -13.52 4.84
CA ASP A 268 2.80 -14.42 3.99
C ASP A 268 2.99 -13.84 2.58
N ASP A 269 2.03 -13.05 2.08
CA ASP A 269 2.23 -12.39 0.79
C ASP A 269 3.35 -11.37 0.90
N ILE A 270 3.39 -10.61 2.00
CA ILE A 270 4.44 -9.61 2.20
C ILE A 270 5.81 -10.27 2.21
N VAL A 271 5.96 -11.35 3.00
CA VAL A 271 7.28 -11.99 3.07
C VAL A 271 7.73 -12.45 1.69
N GLY A 272 6.85 -13.12 0.94
CA GLY A 272 7.24 -13.59 -0.38
C GLY A 272 7.51 -12.47 -1.38
N ALA A 273 6.77 -11.36 -1.27
CA ALA A 273 7.00 -10.23 -2.16
C ALA A 273 8.33 -9.54 -1.87
N VAL A 274 8.71 -9.44 -0.59
CA VAL A 274 10.02 -8.89 -0.25
C VAL A 274 11.15 -9.77 -0.80
N GLU A 275 10.99 -11.10 -0.72
CA GLU A 275 11.92 -12.05 -1.34
C GLU A 275 12.08 -11.81 -2.83
N ARG A 276 11.12 -11.13 -3.46
CA ARG A 276 11.11 -10.89 -4.88
C ARG A 276 11.38 -9.43 -5.23
N GLY A 277 11.77 -8.62 -4.25
CA GLY A 277 12.26 -7.26 -4.51
C GLY A 277 11.29 -6.11 -4.27
N ILE A 278 10.19 -6.34 -3.56
CA ILE A 278 9.24 -5.27 -3.23
C ILE A 278 9.66 -4.55 -1.95
N ASP A 279 9.45 -3.22 -1.94
CA ASP A 279 9.85 -2.33 -0.87
C ASP A 279 8.70 -1.71 -0.09
N MET A 280 7.46 -1.72 -0.63
CA MET A 280 6.36 -0.96 -0.05
C MET A 280 5.06 -1.74 -0.24
N PHE A 281 4.19 -1.69 0.78
CA PHE A 281 2.93 -2.41 0.86
C PHE A 281 1.84 -1.55 1.46
N ASP A 282 0.62 -1.62 0.91
CA ASP A 282 -0.53 -0.99 1.54
C ASP A 282 -1.31 -2.09 2.21
N CYS A 283 -1.72 -1.85 3.45
CA CYS A 283 -2.19 -2.90 4.36
C CYS A 283 -3.49 -2.43 4.95
N VAL A 284 -4.58 -2.72 4.24
CA VAL A 284 -5.92 -2.44 4.76
C VAL A 284 -6.32 -3.53 5.74
N LEU A 285 -6.02 -4.79 5.41
CA LEU A 285 -6.40 -5.98 6.15
C LEU A 285 -6.30 -5.87 7.68
N PRO A 286 -5.23 -5.32 8.23
CA PRO A 286 -5.18 -5.16 9.70
C PRO A 286 -6.38 -4.43 10.27
N THR A 287 -6.79 -3.32 9.66
CA THR A 287 -7.94 -2.58 10.18
C THR A 287 -9.25 -3.28 9.85
N ARG A 288 -9.34 -3.88 8.67
CA ARG A 288 -10.52 -4.65 8.32
C ARG A 288 -10.69 -5.83 9.27
N SER A 289 -9.61 -6.58 9.48
CA SER A 289 -9.68 -7.73 10.37
C SER A 289 -10.01 -7.29 11.79
N GLY A 290 -9.45 -6.16 12.22
CA GLY A 290 -9.68 -5.72 13.60
C GLY A 290 -11.14 -5.44 13.91
N ARG A 291 -11.90 -4.99 12.91
CA ARG A 291 -13.32 -4.72 13.12
C ARG A 291 -14.19 -5.95 12.90
N ASN A 292 -13.62 -7.07 12.46
CA ASN A 292 -14.42 -8.25 12.12
C ASN A 292 -13.97 -9.50 12.88
N GLY A 293 -13.25 -9.35 13.98
CA GLY A 293 -12.96 -10.44 14.89
C GLY A 293 -11.69 -11.23 14.63
N GLN A 294 -10.83 -10.82 13.70
CA GLN A 294 -9.65 -11.57 13.34
C GLN A 294 -8.39 -10.86 13.85
N ALA A 295 -7.54 -11.59 14.58
CA ALA A 295 -6.27 -11.10 15.08
C ALA A 295 -5.12 -11.85 14.42
N PHE A 296 -4.05 -11.13 14.08
CA PHE A 296 -2.86 -11.75 13.52
C PHE A 296 -1.91 -12.12 14.66
N THR A 297 -1.33 -13.32 14.54
CA THR A 297 -0.33 -13.79 15.50
C THR A 297 0.80 -14.51 14.74
N FTR A 298 1.93 -14.72 15.41
CA FTR A 298 3.05 -15.41 14.77
CB FTR A 298 4.33 -15.36 15.63
CG FTR A 298 4.78 -13.98 15.85
CD2 FTR A 298 5.38 -13.13 14.85
CE2 FTR A 298 5.66 -11.85 15.50
CE3 FTR A 298 5.72 -13.33 13.52
CD1 FTR A 298 4.71 -13.21 17.01
NE1 FTR A 298 5.24 -11.92 16.82
CZ2 FTR A 298 6.24 -10.80 14.78
CZ3 FTR A 298 6.31 -12.26 12.85
F FTR A 298 6.65 -12.42 11.55
CH2 FTR A 298 6.57 -11.02 13.47
C FTR A 298 2.67 -16.91 14.45
O FTR A 298 3.34 -17.56 13.61
HA FTR A 298 3.26 -15.00 13.92
HB2 FTR A 298 5.04 -15.85 15.18
HB3 FTR A 298 4.18 -15.79 16.48
HE3 FTR A 298 5.57 -14.14 13.10
HD1 FTR A 298 4.37 -13.46 17.85
HZ2 FTR A 298 6.39 -9.98 15.19
HH2 FTR A 298 6.96 -10.34 12.97
N ASP A 299 1.61 -17.40 15.08
CA ASP A 299 1.12 -18.74 14.80
C ASP A 299 -0.10 -18.73 13.87
N GLY A 300 -0.27 -17.66 13.11
CA GLY A 300 -1.37 -17.54 12.17
C GLY A 300 -2.51 -16.69 12.71
N PRO A 301 -3.50 -16.41 11.87
CA PRO A 301 -4.64 -15.62 12.35
C PRO A 301 -5.56 -16.45 13.24
N ILE A 302 -6.23 -15.76 14.17
CA ILE A 302 -7.24 -16.40 15.02
C ILE A 302 -8.53 -15.58 14.97
N ASN A 303 -9.66 -16.27 15.19
N ASN A 303 -9.67 -16.26 15.10
CA ASN A 303 -10.98 -15.65 15.22
CA ASN A 303 -10.97 -15.58 15.20
C ASN A 303 -11.40 -15.52 16.69
C ASN A 303 -11.34 -15.52 16.67
N ILE A 304 -11.18 -14.33 17.26
CA ILE A 304 -11.32 -14.17 18.70
C ILE A 304 -12.75 -14.41 19.18
N ARG A 305 -13.75 -14.36 18.30
CA ARG A 305 -15.13 -14.64 18.75
C ARG A 305 -15.34 -16.11 19.09
N ASN A 306 -14.49 -17.00 18.60
CA ASN A 306 -14.68 -18.44 18.83
C ASN A 306 -14.67 -18.75 20.31
N ALA A 307 -15.56 -19.67 20.72
CA ALA A 307 -15.71 -19.99 22.13
C ALA A 307 -14.45 -20.54 22.77
N ARG A 308 -13.52 -21.08 21.98
CA ARG A 308 -12.28 -21.61 22.54
C ARG A 308 -11.43 -20.52 23.21
N PHE A 309 -11.72 -19.24 22.96
CA PHE A 309 -10.98 -18.16 23.60
C PHE A 309 -11.68 -17.60 24.84
N SER A 310 -12.84 -18.15 25.22
CA SER A 310 -13.62 -17.53 26.28
C SER A 310 -12.95 -17.63 27.65
N GLU A 311 -12.08 -18.61 27.85
CA GLU A 311 -11.36 -18.75 29.12
C GLU A 311 -9.84 -18.69 28.94
N ASP A 312 -9.36 -18.17 27.81
CA ASP A 312 -7.93 -18.16 27.46
C ASP A 312 -7.28 -16.90 28.04
N LEU A 313 -6.42 -17.06 29.05
CA LEU A 313 -5.82 -15.94 29.76
C LEU A 313 -4.55 -15.41 29.09
N LYS A 314 -4.11 -16.03 27.99
CA LYS A 314 -2.95 -15.53 27.28
C LYS A 314 -3.30 -14.26 26.51
N PRO A 315 -2.33 -13.40 26.23
CA PRO A 315 -2.58 -12.27 25.33
C PRO A 315 -2.83 -12.75 23.91
N LEU A 316 -3.28 -11.82 23.05
CA LEU A 316 -3.55 -12.18 21.66
C LEU A 316 -2.36 -12.92 21.05
N ASP A 317 -1.14 -12.41 21.26
CA ASP A 317 0.06 -13.11 20.83
C ASP A 317 1.09 -13.13 21.96
N SER A 318 1.72 -14.30 22.12
CA SER A 318 2.64 -14.56 23.22
C SER A 318 3.87 -13.65 23.21
N GLU A 319 4.31 -13.22 22.04
CA GLU A 319 5.54 -12.46 21.93
C GLU A 319 5.33 -10.98 21.67
N CYS A 320 4.11 -10.58 21.32
CA CYS A 320 3.83 -9.22 20.92
C CYS A 320 4.10 -8.23 22.04
N HIS A 321 4.79 -7.14 21.70
CA HIS A 321 5.12 -6.09 22.65
C HIS A 321 4.09 -4.97 22.70
N CYS A 322 2.94 -5.12 22.04
CA CYS A 322 2.02 -3.99 21.95
C CYS A 322 1.30 -3.78 23.29
N ALA A 323 0.69 -2.61 23.43
CA ALA A 323 0.08 -2.24 24.71
C ALA A 323 -1.10 -3.12 25.06
N VAL A 324 -1.84 -3.59 24.06
CA VAL A 324 -2.94 -4.52 24.32
C VAL A 324 -2.41 -5.79 24.95
N CYS A 325 -1.37 -6.37 24.35
CA CYS A 325 -0.88 -7.68 24.80
C CYS A 325 -0.14 -7.56 26.12
N GLN A 326 0.35 -6.38 26.46
CA GLN A 326 0.94 -6.18 27.78
C GLN A 326 -0.11 -6.16 28.88
N LYS A 327 -1.36 -5.84 28.57
CA LYS A 327 -2.37 -5.61 29.60
C LYS A 327 -3.56 -6.55 29.61
N FTR A 328 -4.05 -6.95 28.44
CA FTR A 328 -5.31 -7.69 28.43
CB FTR A 328 -6.43 -6.90 27.74
CG FTR A 328 -6.82 -5.68 28.45
CD2 FTR A 328 -6.50 -4.33 28.04
CE2 FTR A 328 -7.11 -3.43 29.02
CE3 FTR A 328 -5.77 -3.80 26.98
CD1 FTR A 328 -7.58 -5.56 29.61
NE1 FTR A 328 -7.77 -4.21 29.97
CZ2 FTR A 328 -6.96 -2.05 28.91
CZ3 FTR A 328 -5.66 -2.42 26.88
F FTR A 328 -4.96 -1.87 25.86
CH2 FTR A 328 -6.24 -1.56 27.84
C FTR A 328 -5.27 -9.09 27.75
O FTR A 328 -4.40 -9.35 26.87
HA FTR A 328 -5.52 -7.87 29.35
HB2 FTR A 328 -7.21 -7.47 27.65
HB3 FTR A 328 -6.15 -6.66 26.85
HE3 FTR A 328 -5.37 -4.36 26.35
HD1 FTR A 328 -7.96 -6.24 30.14
HZ2 FTR A 328 -7.34 -1.47 29.54
HH2 FTR A 328 -6.13 -0.64 27.73
N SER A 329 -6.19 -9.96 28.17
CA SER A 329 -6.26 -11.32 27.73
C SER A 329 -7.17 -11.53 26.53
N ARG A 330 -6.92 -12.63 25.83
CA ARG A 330 -7.86 -13.13 24.82
C ARG A 330 -9.27 -13.24 25.37
N ALA A 331 -9.41 -13.75 26.59
CA ALA A 331 -10.73 -13.92 27.19
C ALA A 331 -11.49 -12.59 27.31
N TYR A 332 -10.79 -11.52 27.71
CA TYR A 332 -11.47 -10.22 27.85
C TYR A 332 -11.79 -9.60 26.49
N ILE A 333 -10.88 -9.70 25.51
CA ILE A 333 -11.17 -9.14 24.19
C ILE A 333 -12.33 -9.91 23.55
N HIS A 334 -12.36 -11.23 23.71
CA HIS A 334 -13.49 -12.06 23.28
C HIS A 334 -14.81 -11.57 23.90
N HIS A 335 -14.80 -11.35 25.21
CA HIS A 335 -15.97 -10.83 25.91
C HIS A 335 -16.45 -9.51 25.31
N LEU A 336 -15.53 -8.58 25.09
CA LEU A 336 -15.93 -7.27 24.56
C LEU A 336 -16.53 -7.39 23.17
N ILE A 337 -15.89 -8.16 22.29
CA ILE A 337 -16.39 -8.25 20.92
C ILE A 337 -17.73 -8.97 20.87
N ARG A 338 -17.88 -10.03 21.66
CA ARG A 338 -19.16 -10.73 21.72
C ARG A 338 -20.26 -9.82 22.26
N ALA A 339 -19.91 -8.86 23.11
CA ALA A 339 -20.86 -7.92 23.70
C ALA A 339 -21.18 -6.76 22.76
N GLY A 340 -20.50 -6.65 21.63
CA GLY A 340 -20.69 -5.53 20.74
C GLY A 340 -20.05 -4.22 21.17
N GLU A 341 -19.05 -4.29 22.04
CA GLU A 341 -18.40 -3.09 22.57
C GLU A 341 -17.34 -2.57 21.61
N ILE A 342 -17.41 -1.27 21.33
CA ILE A 342 -16.45 -0.61 20.45
C ILE A 342 -15.03 -0.82 20.94
N LEU A 343 -14.83 -0.83 22.26
CA LEU A 343 -13.50 -1.01 22.83
C LEU A 343 -12.85 -2.28 22.29
N GLY A 344 -13.64 -3.34 22.11
CA GLY A 344 -13.07 -4.60 21.64
C GLY A 344 -12.45 -4.48 20.26
N ALA A 345 -13.16 -3.86 19.32
CA ALA A 345 -12.62 -3.70 17.97
C ALA A 345 -11.42 -2.76 17.97
N MET A 346 -11.43 -1.72 18.81
CA MET A 346 -10.30 -0.81 18.90
C MET A 346 -9.05 -1.54 19.41
N LEU A 347 -9.20 -2.41 20.40
CA LEU A 347 -8.05 -3.14 20.91
C LEU A 347 -7.51 -4.13 19.88
N MET A 348 -8.42 -4.81 19.17
CA MET A 348 -8.00 -5.73 18.11
C MET A 348 -7.22 -4.98 17.03
N THR A 349 -7.70 -3.79 16.65
CA THR A 349 -7.06 -3.05 15.57
C THR A 349 -5.70 -2.53 15.99
N GLU A 350 -5.59 -2.03 17.21
CA GLU A 350 -4.30 -1.61 17.73
C GLU A 350 -3.31 -2.75 17.70
N HIS A 351 -3.74 -3.94 18.16
CA HIS A 351 -2.84 -5.08 18.12
C HIS A 351 -2.43 -5.43 16.69
N ASN A 352 -3.40 -5.47 15.78
CA ASN A 352 -3.08 -5.89 14.42
C ASN A 352 -2.10 -4.94 13.76
N ILE A 353 -2.28 -3.62 13.94
CA ILE A 353 -1.32 -2.64 13.41
C ILE A 353 0.06 -2.88 14.00
N ALA A 354 0.14 -3.08 15.32
CA ALA A 354 1.42 -3.31 15.96
C ALA A 354 2.07 -4.59 15.44
N PHE A 355 1.28 -5.64 15.22
CA PHE A 355 1.82 -6.87 14.65
C PHE A 355 2.48 -6.60 13.30
N TYR A 356 1.81 -5.85 12.44
CA TYR A 356 2.38 -5.55 11.13
C TYR A 356 3.65 -4.71 11.24
N GLN A 357 3.71 -3.79 12.18
N GLN A 357 3.64 -3.73 12.16
CA GLN A 357 4.96 -3.04 12.22
CA GLN A 357 4.83 -2.97 12.54
C GLN A 357 6.09 -3.84 12.88
C GLN A 357 6.00 -3.92 12.79
N GLN A 358 5.76 -4.84 13.72
CA GLN A 358 6.80 -5.76 14.18
C GLN A 358 7.27 -6.68 13.07
N LEU A 359 6.33 -7.16 12.23
CA LEU A 359 6.69 -7.95 11.05
C LEU A 359 7.67 -7.19 10.17
N MET A 360 7.37 -5.91 9.87
CA MET A 360 8.24 -5.19 8.96
C MET A 360 9.61 -4.91 9.59
N GLN A 361 9.64 -4.64 10.91
CA GLN A 361 10.91 -4.43 11.59
C GLN A 361 11.76 -5.70 11.57
N LYS A 362 11.14 -6.86 11.79
CA LYS A 362 11.89 -8.12 11.72
C LYS A 362 12.43 -8.37 10.32
N ILE A 363 11.63 -8.04 9.29
CA ILE A 363 12.12 -8.16 7.92
C ILE A 363 13.32 -7.24 7.69
N ARG A 364 13.20 -5.95 8.05
CA ARG A 364 14.31 -5.01 7.85
C ARG A 364 15.57 -5.47 8.57
N ASP A 365 15.43 -5.87 9.84
CA ASP A 365 16.59 -6.31 10.60
C ASP A 365 17.22 -7.58 10.01
N SER A 366 16.38 -8.53 9.57
N SER A 366 16.38 -8.53 9.60
CA SER A 366 16.94 -9.78 9.06
CA SER A 366 16.93 -9.76 9.06
C SER A 366 17.67 -9.57 7.74
C SER A 366 17.72 -9.51 7.77
N ILE A 367 17.18 -8.68 6.86
CA ILE A 367 17.93 -8.37 5.64
C ILE A 367 19.25 -7.70 5.99
N SER A 368 19.20 -6.73 6.91
N SER A 368 19.19 -6.70 6.89
CA SER A 368 20.41 -5.99 7.26
CA SER A 368 20.40 -5.98 7.27
C SER A 368 21.46 -6.89 7.88
C SER A 368 21.46 -6.94 7.81
N GLU A 369 21.03 -7.99 8.50
CA GLU A 369 21.92 -8.92 9.18
C GLU A 369 22.27 -10.13 8.31
N GLY A 370 21.75 -10.20 7.09
CA GLY A 370 22.02 -11.35 6.24
C GLY A 370 21.37 -12.64 6.67
N ARG A 371 20.22 -12.58 7.35
CA ARG A 371 19.52 -13.79 7.78
C ARG A 371 18.03 -13.77 7.38
N PHE A 372 17.70 -13.06 6.30
CA PHE A 372 16.30 -12.96 5.87
C PHE A 372 15.81 -14.28 5.26
N SER A 373 16.67 -14.98 4.53
CA SER A 373 16.26 -16.28 4.00
C SER A 373 15.82 -17.21 5.12
N GLN A 374 16.60 -17.24 6.21
CA GLN A 374 16.24 -18.10 7.34
C GLN A 374 14.97 -17.59 8.02
N PHE A 375 14.83 -16.27 8.14
CA PHE A 375 13.63 -15.70 8.73
C PHE A 375 12.38 -16.13 7.96
N ALA A 376 12.43 -16.03 6.62
CA ALA A 376 11.26 -16.38 5.83
C ALA A 376 10.88 -17.84 6.03
N GLN A 377 11.88 -18.72 6.10
CA GLN A 377 11.59 -20.14 6.31
C GLN A 377 11.00 -20.37 7.70
N ASP A 378 11.59 -19.76 8.73
CA ASP A 378 11.08 -19.90 10.08
C ASP A 378 9.68 -19.32 10.20
N PHE A 379 9.47 -18.14 9.60
CA PHE A 379 8.16 -17.51 9.63
C PHE A 379 7.10 -18.44 9.07
N ARG A 380 7.36 -19.03 7.90
N ARG A 380 7.37 -19.05 7.92
CA ARG A 380 6.36 -19.88 7.27
CA ARG A 380 6.36 -19.88 7.26
C ARG A 380 6.08 -21.11 8.12
C ARG A 380 6.09 -21.15 8.06
N ALA A 381 7.13 -21.77 8.60
CA ALA A 381 6.93 -23.01 9.35
C ALA A 381 6.00 -22.80 10.52
N ARG A 382 6.08 -21.64 11.16
CA ARG A 382 5.29 -21.37 12.34
C ARG A 382 3.91 -20.79 12.00
N TYR A 383 3.86 -19.85 11.06
CA TYR A 383 2.59 -19.22 10.69
C TYR A 383 1.60 -20.26 10.15
N PHE A 384 2.09 -21.29 9.47
CA PHE A 384 1.22 -22.29 8.86
C PHE A 384 1.16 -23.58 9.65
N ALA A 385 1.93 -23.73 10.72
CA ALA A 385 1.86 -24.94 11.54
C ALA A 385 0.43 -25.19 11.98
ZN ZN B . -0.31 -7.29 20.61
N OQQ C . -5.91 -5.45 -4.36
N OQQ C . -6.34 -5.46 -4.58
C1 OQQ C . -5.55 -4.43 -5.13
C1 OQQ C . -5.82 -4.43 -5.25
C2 OQQ C . -4.72 -3.27 -6.74
C2 OQQ C . -4.86 -3.26 -6.78
C OQQ C . -6.58 -5.29 -3.08
C OQQ C . -7.11 -5.32 -3.35
O OQQ C . -3.20 -1.73 -10.37
O OQQ C . -3.40 -1.67 -10.41
C10 OQQ C . -4.80 0.26 -3.81
C10 OQQ C . -4.75 0.38 -3.79
C11 OQQ C . -5.48 1.00 -2.67
C11 OQQ C . -5.42 1.12 -2.66
C12 OQQ C . -5.38 0.54 -1.36
C12 OQQ C . -5.18 0.76 -1.33
C13 OQQ C . -6.02 1.20 -0.33
C13 OQQ C . -5.81 1.42 -0.29
C14 OQQ C . -6.78 2.34 -0.57
C14 OQQ C . -6.69 2.47 -0.53
C15 OQQ C . -7.50 3.02 0.54
C15 OQQ C . -7.34 3.20 0.60
C16 OQQ C . -6.88 2.80 -1.89
C16 OQQ C . -6.93 2.83 -1.86
C17 OQQ C . -6.24 2.13 -2.92
C17 OQQ C . -6.31 2.17 -2.90
C18 OQQ C . -5.23 -2.35 -5.82
C18 OQQ C . -5.33 -2.36 -5.83
C3 OQQ C . -4.15 -2.82 -7.94
C3 OQQ C . -4.28 -2.81 -7.98
C4 OQQ C . -4.11 -1.45 -8.19
C4 OQQ C . -4.19 -1.43 -8.19
C5 OQQ C . -3.60 -0.95 -9.48
C5 OQQ C . -3.75 -0.91 -9.50
C6 OQQ C . -4.06 1.25 -8.76
C6 OQQ C . -4.11 1.28 -8.69
C7 OQQ C . -4.60 -0.53 -7.24
C7 OQQ C . -4.63 -0.52 -7.19
C8 OQQ C . -5.17 -0.97 -6.04
C8 OQQ C . -5.21 -0.97 -6.01
C9 OQQ C . -5.76 -0.02 -5.02
C9 OQQ C . -5.78 -0.03 -4.96
F OQQ C . -8.80 2.73 0.55
F OQQ C . -8.20 4.13 0.20
F1 OQQ C . -7.02 2.68 1.76
F1 OQQ C . -8.00 2.38 1.43
F2 OQQ C . -7.42 4.35 0.47
F2 OQQ C . -6.46 3.86 1.35
N1 OQQ C . -4.93 -4.57 -6.29
N1 OQQ C . -5.16 -4.57 -6.39
N2 OQQ C . -3.62 0.41 -9.70
N2 OQQ C . -3.74 0.46 -9.67
N3 OQQ C . -4.02 2.56 -8.96
N3 OQQ C . -4.05 2.60 -8.87
N4 OQQ C . -4.55 0.82 -7.55
N4 OQQ C . -4.55 0.84 -7.47
N5 OQQ C . -5.76 -3.13 -4.80
N5 OQQ C . -5.94 -3.15 -4.86
#